data_1AI8
#
_entry.id   1AI8
#
_cell.length_a   69.714
_cell.length_b   71.464
_cell.length_c   71.648
_cell.angle_alpha   90.00
_cell.angle_beta   99.82
_cell.angle_gamma   90.00
#
_symmetry.space_group_name_H-M   'C 1 2 1'
#
loop_
_entity.id
_entity.type
_entity.pdbx_description
1 polymer 'ALPHA-THROMBIN (SMALL SUBUNIT)'
2 polymer 'ALPHA-THROMBIN (LARGE SUBUNIT)'
3 polymer 'HIRUDIN IIIB'
4 non-polymer 'MORPHOLINO-DIPHENYLALANINE-METHOXYPROPYLBORONIC ACID'
5 water water
#
loop_
_entity_poly.entity_id
_entity_poly.type
_entity_poly.pdbx_seq_one_letter_code
_entity_poly.pdbx_strand_id
1 'polypeptide(L)' TFGSGEADCGLRPLFEKKSLEDKTERELLESYIDGR L
2 'polypeptide(L)'
;IVEGSDAEIGMSPWQVMLFRKSPQELLCGASLISDRWVLTAAHCLLYPPWDKNFTENDLLVRIGKHSRTRYERNIEKISM
LEKIYIHPRYNWRENLDRDIALMKLKKPVAFSDYIHPVCLPDRETAASLLQAGYKGRVTGWGNLKETWTANVGKGQPSVL
QVVNLPIVERPVCKDSTRIRITDNMFCAGYKPDEGKRGDACEGDSGGPFVMKSPFNNRWYQMGIVSWGEGCDRDGKYGFY
THVFRLKKWIQKVIDQFGE
;
H
3 'polypeptide(L)' NEDFEEIPEE(TYS)L I
#
# COMPACT_ATOMS: atom_id res chain seq x y z
N ALA A 7 0.43 -15.73 9.60
CA ALA A 7 0.72 -16.83 10.65
C ALA A 7 0.19 -16.31 11.99
N ASP A 8 0.93 -15.26 12.40
CA ASP A 8 0.52 -14.18 13.20
C ASP A 8 0.25 -12.88 12.37
N CYS A 9 0.16 -13.14 11.05
CA CYS A 9 -0.08 -12.02 10.13
C CYS A 9 -1.34 -11.27 10.50
N GLY A 10 -1.24 -9.93 10.25
CA GLY A 10 -2.46 -9.11 10.30
C GLY A 10 -2.98 -8.81 11.68
N LEU A 11 -2.19 -9.13 12.76
CA LEU A 11 -2.58 -8.86 14.10
C LEU A 11 -1.55 -7.88 14.72
N ARG A 12 -2.04 -6.67 14.92
CA ARG A 12 -1.14 -5.56 15.28
C ARG A 12 -0.68 -5.69 16.72
N PRO A 13 0.60 -5.56 16.96
CA PRO A 13 1.10 -5.62 18.40
C PRO A 13 0.42 -4.57 19.23
N LEU A 14 0.11 -3.38 18.74
CA LEU A 14 -0.42 -2.28 19.53
C LEU A 14 -1.90 -2.23 19.57
N PHE A 15 -2.57 -3.05 18.71
CA PHE A 15 -4.00 -2.98 18.67
C PHE A 15 -4.66 -4.34 18.95
N GLU A 16 -4.75 -5.23 17.88
CA GLU A 16 -5.46 -6.50 18.14
C GLU A 16 -4.78 -7.34 19.25
N LYS A 17 -3.41 -7.32 19.28
CA LYS A 17 -2.71 -8.15 20.26
C LYS A 17 -2.89 -7.63 21.70
N LYS A 18 -3.46 -6.46 21.93
CA LYS A 18 -3.74 -5.93 23.23
C LYS A 18 -5.21 -5.71 23.41
N SER A 19 -6.00 -6.07 22.40
CA SER A 19 -7.43 -5.77 22.39
C SER A 19 -7.70 -4.28 22.47
N LEU A 20 -6.88 -3.50 21.72
CA LEU A 20 -7.22 -2.08 21.62
C LEU A 20 -7.69 -1.74 20.18
N GLU A 21 -8.69 -0.91 20.02
CA GLU A 21 -9.19 -0.56 18.71
C GLU A 21 -8.60 0.76 18.26
N ASP A 22 -8.28 0.84 16.98
CA ASP A 22 -7.89 2.17 16.47
C ASP A 22 -9.13 2.99 16.30
N LYS A 23 -8.96 4.32 16.17
CA LYS A 23 -10.06 5.28 16.08
C LYS A 23 -11.00 5.20 14.93
N THR A 24 -10.69 4.43 13.87
CA THR A 24 -11.57 4.42 12.76
C THR A 24 -11.86 3.03 12.30
N GLU A 25 -11.19 1.97 12.80
CA GLU A 25 -11.51 0.64 12.28
C GLU A 25 -12.98 0.34 12.34
N ARG A 26 -13.78 0.86 13.26
CA ARG A 26 -15.18 0.57 13.34
C ARG A 26 -15.98 1.03 12.11
N GLU A 27 -15.44 2.07 11.43
CA GLU A 27 -16.05 2.47 10.16
C GLU A 27 -15.98 1.43 9.08
N LEU A 28 -14.89 0.62 9.05
CA LEU A 28 -14.82 -0.49 8.15
C LEU A 28 -15.82 -1.60 8.45
N LEU A 29 -15.81 -2.00 9.76
CA LEU A 29 -16.73 -3.04 10.21
C LEU A 29 -18.18 -2.68 9.88
N GLU A 30 -18.57 -1.44 10.11
CA GLU A 30 -19.91 -0.94 9.84
C GLU A 30 -20.29 -0.97 8.35
N SER A 31 -19.30 -0.96 7.50
CA SER A 31 -19.60 -1.16 6.06
C SER A 31 -19.74 -2.57 5.63
N TYR A 32 -19.31 -3.57 6.42
CA TYR A 32 -19.33 -4.96 5.95
C TYR A 32 -20.62 -5.71 6.28
N ILE A 33 -21.53 -5.76 5.31
CA ILE A 33 -22.90 -6.21 5.58
C ILE A 33 -23.17 -7.61 5.16
N ILE B 1 -1.63 10.95 0.49
CA ILE B 1 -3.08 10.80 0.71
C ILE B 1 -3.78 12.15 0.83
N VAL B 2 -4.95 12.25 0.23
CA VAL B 2 -5.72 13.48 0.29
C VAL B 2 -6.94 13.31 1.17
N GLU B 3 -7.06 14.23 2.09
CA GLU B 3 -8.20 14.30 3.00
C GLU B 3 -8.23 13.12 3.98
N GLY B 4 -7.05 12.70 4.35
CA GLY B 4 -6.89 11.63 5.33
C GLY B 4 -6.66 12.29 6.69
N SER B 5 -6.03 11.53 7.56
CA SER B 5 -5.67 11.99 8.91
C SER B 5 -4.36 11.31 9.29
N ASP B 6 -3.68 11.86 10.27
CA ASP B 6 -2.43 11.27 10.77
C ASP B 6 -2.70 9.88 11.30
N ALA B 7 -1.83 8.96 10.99
CA ALA B 7 -1.97 7.59 11.48
C ALA B 7 -1.57 7.54 12.95
N GLU B 8 -2.18 6.60 13.65
CA GLU B 8 -1.84 6.37 15.06
C GLU B 8 -0.56 5.54 15.07
N ILE B 9 0.15 5.58 16.17
CA ILE B 9 1.39 4.81 16.29
C ILE B 9 1.08 3.31 16.25
N GLY B 10 1.77 2.62 15.35
CA GLY B 10 1.66 1.16 15.16
C GLY B 10 0.32 0.74 14.51
N MET B 11 -0.30 1.69 13.85
CA MET B 11 -1.61 1.47 13.19
C MET B 11 -1.46 0.62 11.92
N SER B 12 -0.32 0.79 11.27
CA SER B 12 -0.03 0.12 9.98
C SER B 12 1.37 -0.39 9.97
N PRO B 13 1.66 -1.39 10.82
CA PRO B 13 2.99 -1.88 11.06
C PRO B 13 3.66 -2.64 9.98
N TRP B 14 2.85 -3.02 8.94
CA TRP B 14 3.34 -3.56 7.70
C TRP B 14 3.71 -2.47 6.68
N GLN B 15 3.47 -1.23 7.02
CA GLN B 15 3.79 -0.12 6.11
C GLN B 15 5.30 -0.08 5.85
N VAL B 16 5.65 0.03 4.58
CA VAL B 16 7.06 0.13 4.17
C VAL B 16 7.24 1.31 3.23
N MET B 17 8.36 1.97 3.39
CA MET B 17 8.72 3.11 2.55
C MET B 17 9.86 2.71 1.61
N LEU B 18 9.60 2.88 0.33
CA LEU B 18 10.60 2.63 -0.71
C LEU B 18 11.41 3.92 -0.83
N PHE B 19 12.68 3.79 -0.57
CA PHE B 19 13.57 4.95 -0.47
C PHE B 19 14.75 4.84 -1.43
N ARG B 20 14.92 5.93 -2.15
CA ARG B 20 16.02 6.08 -3.10
C ARG B 20 17.27 6.52 -2.33
N LYS B 21 18.34 5.79 -2.56
CA LYS B 21 19.64 6.03 -1.89
C LYS B 21 20.25 7.39 -2.25
N SER B 22 20.05 7.81 -3.51
CA SER B 22 20.68 9.08 -3.98
C SER B 22 20.13 9.63 -5.29
N PRO B 23 19.56 10.84 -5.25
CA PRO B 23 19.28 11.56 -4.04
C PRO B 23 18.30 10.87 -3.09
N GLN B 24 18.46 11.12 -1.80
CA GLN B 24 17.77 10.35 -0.74
C GLN B 24 16.35 10.89 -0.79
N GLU B 25 15.44 10.07 -1.25
CA GLU B 25 14.05 10.51 -1.39
C GLU B 25 13.10 9.33 -1.37
N LEU B 26 11.88 9.67 -1.04
CA LEU B 26 10.79 8.72 -1.02
C LEU B 26 10.40 8.43 -2.46
N LEU B 27 10.26 7.16 -2.75
CA LEU B 27 9.92 6.71 -4.10
C LEU B 27 8.47 6.21 -4.16
N CYS B 28 8.11 5.40 -3.19
CA CYS B 28 6.77 4.80 -3.13
C CYS B 28 6.51 4.19 -1.76
N GLY B 29 5.30 3.70 -1.61
CA GLY B 29 4.91 2.95 -0.42
C GLY B 29 5.13 1.46 -0.77
N ALA B 30 4.95 0.62 0.21
CA ALA B 30 5.11 -0.83 0.06
C ALA B 30 4.55 -1.50 1.30
N SER B 31 4.62 -2.82 1.34
CA SER B 31 4.09 -3.55 2.51
C SER B 31 4.90 -4.81 2.81
N LEU B 32 4.99 -5.07 4.10
CA LEU B 32 5.72 -6.24 4.63
C LEU B 32 4.76 -7.43 4.74
N ILE B 33 5.07 -8.52 4.01
CA ILE B 33 4.18 -9.71 4.00
C ILE B 33 4.83 -10.94 4.70
N SER B 34 6.08 -10.79 5.07
CA SER B 34 6.84 -11.84 5.81
C SER B 34 8.11 -11.17 6.32
N ASP B 35 8.98 -11.89 6.98
CA ASP B 35 10.18 -11.23 7.53
C ASP B 35 11.22 -10.93 6.45
N ARG B 36 10.98 -11.34 5.21
CA ARG B 36 11.98 -11.08 4.16
C ARG B 36 11.36 -10.73 2.80
N TRP B 37 10.06 -10.54 2.77
CA TRP B 37 9.39 -10.20 1.51
C TRP B 37 8.54 -8.95 1.67
N VAL B 38 8.72 -8.07 0.71
CA VAL B 38 7.99 -6.80 0.64
C VAL B 38 7.30 -6.71 -0.72
N LEU B 39 6.05 -6.30 -0.65
CA LEU B 39 5.15 -6.18 -1.80
C LEU B 39 5.01 -4.70 -2.17
N THR B 40 4.99 -4.41 -3.46
CA THR B 40 4.83 -3.02 -3.95
C THR B 40 4.28 -3.06 -5.39
N ALA B 41 4.10 -1.88 -5.94
CA ALA B 41 3.61 -1.73 -7.32
C ALA B 41 4.81 -1.82 -8.27
N ALA B 42 4.62 -2.57 -9.32
CA ALA B 42 5.68 -2.78 -10.31
C ALA B 42 6.21 -1.43 -10.85
N HIS B 43 5.32 -0.45 -10.98
CA HIS B 43 5.70 0.83 -11.61
C HIS B 43 6.56 1.72 -10.71
N CYS B 44 6.70 1.32 -9.47
CA CYS B 44 7.56 2.05 -8.51
C CYS B 44 9.02 1.70 -8.78
N LEU B 45 9.18 0.60 -9.50
CA LEU B 45 10.51 0.06 -9.85
C LEU B 45 10.81 0.13 -11.35
N LEU B 46 9.80 -0.06 -12.17
CA LEU B 46 9.99 -0.07 -13.64
C LEU B 46 8.86 0.67 -14.33
N TYR B 47 9.26 1.75 -14.97
CA TYR B 47 8.33 2.59 -15.72
C TYR B 47 9.09 3.42 -16.85
N PRO B 48 9.35 2.70 -17.91
CA PRO B 48 10.01 3.29 -19.13
C PRO B 48 9.51 4.57 -19.61
N PRO B 49 8.29 5.04 -19.54
CA PRO B 49 7.81 6.30 -19.98
C PRO B 49 8.56 7.43 -19.29
N TRP B 50 9.01 7.13 -18.07
CA TRP B 50 9.64 8.18 -17.24
C TRP B 50 11.11 7.81 -16.98
N ASP B 51 11.57 6.88 -17.79
CA ASP B 51 12.94 6.31 -17.73
C ASP B 51 13.26 5.79 -16.33
N LYS B 52 12.28 5.16 -15.74
CA LYS B 52 12.44 4.56 -14.42
C LYS B 52 12.68 3.06 -14.61
N ASN B 53 13.79 2.60 -14.07
CA ASN B 53 14.16 1.17 -14.10
C ASN B 53 15.24 0.95 -13.04
N PHE B 54 14.79 0.86 -11.80
CA PHE B 54 15.70 0.75 -10.64
C PHE B 54 16.28 -0.66 -10.47
N THR B 55 17.53 -0.70 -10.04
CA THR B 55 18.17 -1.97 -9.70
C THR B 55 18.21 -2.03 -8.16
N GLU B 56 18.44 -3.22 -7.65
CA GLU B 56 18.47 -3.48 -6.20
C GLU B 56 19.30 -2.49 -5.42
N ASN B 57 20.54 -2.24 -5.93
CA ASN B 57 21.43 -1.37 -5.16
C ASN B 57 21.12 0.13 -5.28
N ASP B 58 20.09 0.46 -5.98
CA ASP B 58 19.66 1.87 -6.06
C ASP B 58 18.72 2.20 -4.91
N LEU B 59 18.25 1.15 -4.25
CA LEU B 59 17.16 1.27 -3.27
C LEU B 59 17.43 0.72 -1.88
N LEU B 60 16.56 1.23 -1.02
CA LEU B 60 16.45 0.87 0.39
C LEU B 60 14.97 0.82 0.73
N VAL B 61 14.71 0.06 1.74
CA VAL B 61 13.38 -0.12 2.26
C VAL B 61 13.43 0.22 3.74
N ARG B 62 12.58 1.14 4.16
CA ARG B 62 12.52 1.55 5.57
C ARG B 62 11.21 1.08 6.18
N ILE B 63 11.36 0.26 7.19
CA ILE B 63 10.23 -0.42 7.86
C ILE B 63 10.03 0.07 9.32
N GLY B 64 8.74 0.19 9.64
CA GLY B 64 8.25 0.57 10.99
C GLY B 64 8.26 2.10 11.22
N LYS B 65 8.15 2.84 10.14
CA LYS B 65 8.22 4.32 10.20
C LYS B 65 6.85 4.96 10.43
N HIS B 66 6.92 6.19 10.91
CA HIS B 66 5.74 7.02 11.14
C HIS B 66 6.01 8.39 10.50
N SER B 67 7.06 9.03 10.95
CA SER B 67 7.46 10.32 10.37
C SER B 67 7.97 10.10 8.94
N ARG B 68 7.60 11.02 8.05
CA ARG B 68 8.02 10.93 6.63
C ARG B 68 9.53 11.18 6.50
N THR B 69 10.02 12.26 7.08
CA THR B 69 11.43 12.65 6.85
C THR B 69 12.43 12.32 7.98
N ARG B 70 12.01 12.28 9.22
CA ARG B 70 12.96 12.05 10.34
C ARG B 70 13.52 10.62 10.31
N TYR B 71 14.77 10.47 10.76
CA TYR B 71 15.34 9.13 10.93
C TYR B 71 14.90 8.64 12.32
N GLU B 72 14.05 7.64 12.32
CA GLU B 72 13.42 7.14 13.56
C GLU B 72 14.27 6.06 14.24
N ARG B 73 15.27 6.58 14.93
CA ARG B 73 16.26 5.82 15.72
C ARG B 73 15.55 4.91 16.73
N ASN B 74 16.00 3.67 16.78
CA ASN B 74 15.47 2.66 17.71
C ASN B 74 14.05 2.19 17.36
N ILE B 75 13.50 2.69 16.26
CA ILE B 75 12.12 2.32 15.88
C ILE B 75 12.08 1.73 14.46
N GLU B 76 12.53 2.48 13.49
CA GLU B 76 12.52 2.00 12.11
C GLU B 76 13.75 1.11 11.87
N LYS B 77 13.59 0.21 10.91
CA LYS B 77 14.65 -0.68 10.46
C LYS B 77 14.82 -0.46 8.95
N ILE B 78 16.03 -0.19 8.54
CA ILE B 78 16.34 0.04 7.12
C ILE B 78 16.95 -1.25 6.56
N SER B 79 16.44 -1.68 5.41
CA SER B 79 16.93 -2.93 4.79
C SER B 79 17.35 -2.74 3.33
N MET B 80 18.32 -3.56 2.96
CA MET B 80 18.83 -3.58 1.59
C MET B 80 18.14 -4.70 0.84
N LEU B 81 18.09 -4.56 -0.45
CA LEU B 81 17.40 -5.52 -1.27
C LEU B 81 18.31 -6.59 -1.82
N GLU B 82 17.82 -7.79 -1.73
CA GLU B 82 18.54 -8.92 -2.30
C GLU B 82 18.17 -9.06 -3.78
N LYS B 83 16.88 -9.03 -4.05
CA LYS B 83 16.42 -9.19 -5.43
C LYS B 83 15.00 -8.65 -5.64
N ILE B 84 14.82 -8.08 -6.82
CA ILE B 84 13.53 -7.53 -7.25
C ILE B 84 12.89 -8.49 -8.27
N TYR B 85 11.60 -8.68 -8.10
CA TYR B 85 10.80 -9.54 -8.98
C TYR B 85 9.58 -8.80 -9.47
N ILE B 86 9.47 -8.64 -10.76
CA ILE B 86 8.33 -7.91 -11.35
C ILE B 86 7.41 -8.89 -12.07
N HIS B 87 6.09 -8.67 -11.96
CA HIS B 87 5.15 -9.57 -12.65
C HIS B 87 5.65 -9.74 -14.11
N PRO B 88 5.74 -10.94 -14.69
CA PRO B 88 6.16 -11.10 -16.09
C PRO B 88 5.10 -10.50 -16.99
N ARG B 89 3.84 -10.30 -16.57
CA ARG B 89 2.95 -9.60 -17.56
C ARG B 89 2.48 -8.24 -17.08
N TYR B 90 3.35 -7.59 -16.36
CA TYR B 90 3.12 -6.22 -15.92
C TYR B 90 3.05 -5.35 -17.20
N ASN B 91 1.93 -4.67 -17.39
CA ASN B 91 1.71 -3.86 -18.62
C ASN B 91 1.98 -2.36 -18.37
N TRP B 92 3.24 -1.97 -18.52
CA TRP B 92 3.64 -0.58 -18.31
C TRP B 92 3.39 0.27 -19.56
N ARG B 93 3.14 -0.41 -20.67
CA ARG B 93 2.94 0.27 -21.95
C ARG B 93 1.57 0.95 -22.06
N GLU B 94 0.55 0.31 -21.51
CA GLU B 94 -0.82 0.80 -21.69
C GLU B 94 -1.55 1.26 -20.42
N ASN B 95 -1.88 0.32 -19.54
CA ASN B 95 -2.75 0.66 -18.40
C ASN B 95 -2.30 0.15 -17.03
N LEU B 96 -1.04 -0.18 -16.90
CA LEU B 96 -0.47 -0.66 -15.63
C LEU B 96 -1.20 -1.92 -15.12
N ASP B 97 -1.62 -2.74 -16.05
CA ASP B 97 -2.26 -4.00 -15.71
C ASP B 97 -1.22 -4.89 -15.03
N ARG B 98 -1.67 -5.56 -13.94
CA ARG B 98 -0.82 -6.45 -13.13
C ARG B 98 0.36 -5.65 -12.55
N ASP B 99 0.02 -4.50 -11.98
CA ASP B 99 1.01 -3.57 -11.35
C ASP B 99 1.43 -4.11 -9.99
N ILE B 100 2.33 -5.07 -10.00
CA ILE B 100 2.77 -5.71 -8.76
C ILE B 100 4.21 -6.18 -8.90
N ALA B 101 4.89 -6.17 -7.77
CA ALA B 101 6.27 -6.60 -7.69
C ALA B 101 6.60 -6.98 -6.26
N LEU B 102 7.54 -7.89 -6.16
CA LEU B 102 8.06 -8.34 -4.88
C LEU B 102 9.53 -7.99 -4.78
N MET B 103 9.91 -7.71 -3.52
CA MET B 103 11.25 -7.36 -3.17
C MET B 103 11.72 -8.28 -2.02
N LYS B 104 12.74 -9.11 -2.27
CA LYS B 104 13.31 -10.00 -1.22
C LYS B 104 14.42 -9.23 -0.48
N LEU B 105 14.40 -9.27 0.84
CA LEU B 105 15.39 -8.51 1.65
C LEU B 105 16.70 -9.29 1.83
N LYS B 106 17.79 -8.56 1.94
CA LYS B 106 19.10 -9.19 2.16
C LYS B 106 19.04 -10.01 3.47
N LYS B 107 18.51 -9.42 4.53
CA LYS B 107 18.37 -10.13 5.85
C LYS B 107 16.93 -10.01 6.35
N PRO B 108 16.40 -11.00 7.03
CA PRO B 108 15.11 -10.84 7.67
C PRO B 108 15.07 -9.65 8.62
N VAL B 109 13.88 -9.01 8.64
CA VAL B 109 13.72 -7.82 9.47
C VAL B 109 13.11 -8.34 10.77
N ALA B 110 13.51 -7.78 11.87
CA ALA B 110 12.97 -8.22 13.16
C ALA B 110 11.63 -7.52 13.43
N PHE B 111 10.65 -8.31 13.77
CA PHE B 111 9.32 -7.79 14.11
C PHE B 111 9.40 -7.12 15.47
N SER B 112 8.58 -6.10 15.61
CA SER B 112 8.48 -5.30 16.85
C SER B 112 7.05 -4.78 16.95
N ASP B 113 6.87 -3.86 17.85
CA ASP B 113 5.57 -3.24 18.06
C ASP B 113 5.17 -2.40 16.85
N TYR B 114 6.17 -2.01 16.07
CA TYR B 114 5.94 -1.10 14.94
C TYR B 114 6.16 -1.77 13.58
N ILE B 115 6.60 -3.00 13.63
CA ILE B 115 6.91 -3.78 12.43
C ILE B 115 6.25 -5.17 12.54
N HIS B 116 5.37 -5.46 11.60
CA HIS B 116 4.62 -6.73 11.62
C HIS B 116 3.87 -6.98 10.28
N PRO B 117 3.87 -8.18 9.82
CA PRO B 117 3.33 -8.47 8.48
C PRO B 117 1.82 -8.50 8.35
N VAL B 118 1.36 -8.01 7.16
CA VAL B 118 -0.10 -8.18 6.89
C VAL B 118 -0.32 -9.50 6.17
N CYS B 119 -1.55 -9.98 6.27
CA CYS B 119 -1.95 -11.23 5.63
C CYS B 119 -2.39 -10.96 4.18
N LEU B 120 -2.19 -11.97 3.35
CA LEU B 120 -2.66 -11.93 1.96
C LEU B 120 -3.94 -12.68 1.93
N PRO B 121 -4.97 -12.27 1.22
CA PRO B 121 -6.29 -12.82 1.17
C PRO B 121 -6.32 -14.15 0.40
N ASP B 122 -7.07 -15.06 1.02
CA ASP B 122 -7.44 -16.34 0.31
C ASP B 122 -8.67 -16.05 -0.56
N ARG B 123 -9.07 -17.01 -1.37
CA ARG B 123 -10.20 -16.82 -2.31
C ARG B 123 -11.49 -16.35 -1.60
N GLU B 124 -11.81 -17.00 -0.49
CA GLU B 124 -13.06 -16.73 0.25
C GLU B 124 -13.06 -15.34 0.91
N THR B 125 -11.95 -14.95 1.50
CA THR B 125 -11.90 -13.64 2.17
C THR B 125 -12.08 -12.53 1.12
N ALA B 126 -11.49 -12.75 -0.05
CA ALA B 126 -11.59 -11.78 -1.15
C ALA B 126 -13.04 -11.67 -1.62
N ALA B 127 -13.64 -12.83 -1.84
CA ALA B 127 -15.03 -12.90 -2.33
C ALA B 127 -15.99 -12.22 -1.34
N SER B 128 -15.79 -12.46 -0.05
CA SER B 128 -16.69 -11.89 0.96
C SER B 128 -16.48 -10.39 1.19
N LEU B 129 -15.26 -9.93 1.02
CA LEU B 129 -14.95 -8.53 1.38
C LEU B 129 -14.83 -7.55 0.19
N LEU B 130 -14.51 -8.10 -0.98
CA LEU B 130 -14.24 -7.11 -2.07
C LEU B 130 -15.53 -6.84 -2.76
N GLN B 131 -16.38 -6.05 -2.13
CA GLN B 131 -17.72 -5.84 -2.63
C GLN B 131 -17.97 -4.34 -2.60
N ALA B 132 -18.67 -3.87 -3.60
CA ALA B 132 -19.03 -2.45 -3.68
C ALA B 132 -19.67 -2.01 -2.35
N GLY B 133 -19.17 -0.92 -1.79
CA GLY B 133 -19.70 -0.36 -0.54
C GLY B 133 -18.78 -0.66 0.66
N TYR B 134 -18.15 -1.82 0.62
CA TYR B 134 -17.23 -2.25 1.69
C TYR B 134 -16.00 -1.35 1.67
N LYS B 135 -15.61 -0.88 2.84
CA LYS B 135 -14.48 0.05 2.94
C LYS B 135 -13.19 -0.65 3.32
N GLY B 136 -12.15 -0.12 2.71
CA GLY B 136 -10.77 -0.53 2.93
C GLY B 136 -10.03 0.69 3.47
N ARG B 137 -8.78 0.49 3.80
CA ARG B 137 -7.95 1.57 4.34
C ARG B 137 -6.67 1.68 3.54
N VAL B 138 -6.36 2.91 3.19
CA VAL B 138 -5.16 3.24 2.42
C VAL B 138 -4.27 4.15 3.27
N THR B 139 -2.98 3.84 3.25
CA THR B 139 -1.97 4.59 4.02
C THR B 139 -0.78 4.94 3.12
N GLY B 140 -0.14 6.06 3.43
CA GLY B 140 1.03 6.51 2.64
C GLY B 140 1.51 7.89 3.07
N TRP B 141 2.70 8.21 2.59
CA TRP B 141 3.36 9.50 2.85
C TRP B 141 3.33 10.38 1.59
N GLY B 142 2.44 10.02 0.68
CA GLY B 142 2.26 10.73 -0.61
C GLY B 142 1.68 12.13 -0.37
N ASN B 143 1.61 12.88 -1.45
CA ASN B 143 1.11 14.27 -1.44
C ASN B 143 -0.28 14.37 -0.80
N LEU B 144 -0.48 15.50 -0.15
CA LEU B 144 -1.71 15.82 0.58
C LEU B 144 -2.80 16.40 -0.32
N LYS B 145 -2.42 16.85 -1.49
CA LYS B 145 -3.40 17.41 -2.43
C LYS B 145 -2.85 17.42 -3.83
N GLU B 146 -3.74 17.73 -4.75
CA GLU B 146 -3.34 17.77 -6.13
C GLU B 146 -2.52 19.04 -6.40
N THR B 147 -2.94 20.39 -6.17
CA THR B 147 -1.81 21.18 -6.62
C THR B 147 -0.56 20.89 -5.75
N LYS B 154 -1.73 21.06 2.66
CA LYS B 154 -0.32 21.40 2.42
C LYS B 154 0.25 20.42 1.38
N GLY B 155 1.52 20.56 1.11
CA GLY B 155 2.20 19.72 0.09
C GLY B 155 2.27 18.25 0.55
N GLN B 156 3.27 18.01 1.36
CA GLN B 156 3.57 16.68 1.88
C GLN B 156 3.41 16.60 3.40
N PRO B 157 3.03 15.41 3.90
CA PRO B 157 2.68 15.24 5.32
C PRO B 157 3.93 15.18 6.14
N SER B 158 3.80 15.45 7.48
CA SER B 158 4.85 15.22 8.46
C SER B 158 4.96 13.73 8.83
N VAL B 159 3.81 13.09 8.98
CA VAL B 159 3.76 11.65 9.35
C VAL B 159 2.79 10.87 8.44
N LEU B 160 2.87 9.55 8.57
CA LEU B 160 2.03 8.61 7.80
C LEU B 160 0.55 9.03 7.86
N GLN B 161 -0.08 9.03 6.70
CA GLN B 161 -1.50 9.41 6.55
C GLN B 161 -2.37 8.16 6.30
N VAL B 162 -3.62 8.27 6.71
CA VAL B 162 -4.59 7.17 6.59
C VAL B 162 -5.94 7.70 6.15
N VAL B 163 -6.61 6.89 5.35
CA VAL B 163 -7.96 7.22 4.89
C VAL B 163 -8.71 5.93 4.55
N ASN B 164 -9.94 5.88 5.00
CA ASN B 164 -10.85 4.76 4.73
C ASN B 164 -11.73 5.12 3.52
N LEU B 165 -11.82 4.19 2.58
CA LEU B 165 -12.57 4.42 1.34
C LEU B 165 -13.33 3.17 0.86
N PRO B 166 -14.53 3.40 0.40
CA PRO B 166 -15.40 2.34 -0.10
C PRO B 166 -15.03 1.81 -1.46
N ILE B 167 -14.98 0.51 -1.68
CA ILE B 167 -14.81 -0.07 -3.00
C ILE B 167 -15.99 0.37 -3.86
N VAL B 168 -15.73 0.64 -5.12
CA VAL B 168 -16.75 1.14 -6.03
C VAL B 168 -17.15 0.06 -7.07
N GLU B 169 -18.44 0.10 -7.43
CA GLU B 169 -19.02 -0.81 -8.43
C GLU B 169 -18.17 -0.75 -9.69
N ARG B 170 -17.94 -1.89 -10.28
CA ARG B 170 -17.05 -1.98 -11.45
C ARG B 170 -17.53 -1.12 -12.65
N PRO B 171 -18.80 -1.11 -12.93
CA PRO B 171 -19.29 -0.24 -14.04
C PRO B 171 -19.04 1.22 -13.75
N VAL B 172 -19.16 1.70 -12.50
CA VAL B 172 -18.84 3.07 -12.13
C VAL B 172 -17.34 3.36 -12.34
N CYS B 173 -16.50 2.41 -11.94
CA CYS B 173 -15.04 2.56 -12.12
C CYS B 173 -14.72 2.78 -13.62
N LYS B 174 -15.30 1.88 -14.43
CA LYS B 174 -15.13 1.88 -15.90
C LYS B 174 -15.54 3.21 -16.54
N ASP B 175 -16.69 3.68 -16.10
CA ASP B 175 -17.32 4.89 -16.65
C ASP B 175 -16.69 6.18 -16.14
N SER B 176 -15.75 6.06 -15.24
CA SER B 176 -15.11 7.25 -14.68
C SER B 176 -13.80 7.59 -15.40
N THR B 177 -13.37 6.71 -16.30
CA THR B 177 -12.06 6.86 -16.94
C THR B 177 -12.06 6.42 -18.41
N ARG B 178 -10.99 6.82 -19.08
CA ARG B 178 -10.75 6.45 -20.49
C ARG B 178 -9.74 5.29 -20.54
N ILE B 179 -9.07 5.03 -19.40
CA ILE B 179 -8.12 3.91 -19.30
C ILE B 179 -8.89 2.59 -19.34
N ARG B 180 -8.30 1.60 -20.00
CA ARG B 180 -8.91 0.25 -20.09
C ARG B 180 -8.64 -0.50 -18.78
N ILE B 181 -9.72 -0.68 -18.06
CA ILE B 181 -9.74 -1.34 -16.75
C ILE B 181 -9.74 -2.86 -16.96
N THR B 182 -9.06 -3.58 -16.09
CA THR B 182 -9.03 -5.05 -16.18
C THR B 182 -9.48 -5.63 -14.85
N ASP B 183 -9.75 -6.91 -14.86
CA ASP B 183 -10.16 -7.63 -13.66
C ASP B 183 -9.04 -7.66 -12.60
N ASN B 184 -7.84 -7.23 -12.99
CA ASN B 184 -6.69 -7.21 -12.07
C ASN B 184 -6.61 -5.86 -11.32
N MET B 185 -7.67 -5.10 -11.46
CA MET B 185 -7.81 -3.79 -10.81
C MET B 185 -9.19 -3.64 -10.19
N PHE B 186 -9.27 -2.74 -9.25
CA PHE B 186 -10.53 -2.33 -8.64
C PHE B 186 -10.34 -0.88 -8.26
N CYS B 187 -11.41 -0.15 -8.17
CA CYS B 187 -11.31 1.25 -7.81
C CYS B 187 -12.08 1.48 -6.50
N ALA B 188 -11.70 2.54 -5.79
CA ALA B 188 -12.31 2.89 -4.50
C ALA B 188 -12.37 4.41 -4.34
N GLY B 189 -13.29 4.83 -3.50
CA GLY B 189 -13.49 6.23 -3.21
C GLY B 189 -14.98 6.54 -3.16
N TYR B 190 -15.24 7.72 -2.67
CA TYR B 190 -16.58 8.24 -2.51
C TYR B 190 -17.02 8.92 -3.81
N LYS B 191 -18.33 8.93 -3.98
CA LYS B 191 -18.94 9.59 -5.13
C LYS B 191 -19.22 11.05 -4.73
N PRO B 192 -19.49 11.87 -5.74
CA PRO B 192 -19.72 13.31 -5.52
C PRO B 192 -20.91 13.52 -4.61
N ASP B 193 -21.97 12.73 -4.72
CA ASP B 193 -23.17 12.80 -3.90
C ASP B 193 -23.07 12.27 -2.47
N GLU B 194 -21.98 11.62 -2.13
CA GLU B 194 -21.84 11.01 -0.80
C GLU B 194 -21.23 11.98 0.24
N GLY B 195 -20.74 13.14 -0.20
CA GLY B 195 -20.22 14.17 0.73
C GLY B 195 -18.77 13.92 1.19
N LYS B 196 -18.54 12.78 1.84
CA LYS B 196 -17.19 12.41 2.33
C LYS B 196 -16.22 12.41 1.11
N ARG B 197 -14.94 12.65 1.39
CA ARG B 197 -13.89 12.69 0.32
C ARG B 197 -12.70 11.79 0.70
N GLY B 198 -11.66 11.89 -0.11
CA GLY B 198 -10.42 11.15 0.18
C GLY B 198 -9.95 10.32 -1.01
N ASP B 199 -8.65 10.21 -1.09
CA ASP B 199 -7.98 9.48 -2.16
C ASP B 199 -6.50 9.34 -1.85
N ALA B 200 -5.88 8.50 -2.65
CA ALA B 200 -4.44 8.33 -2.61
C ALA B 200 -3.90 9.41 -3.55
N CYS B 201 -2.61 9.65 -3.51
CA CYS B 201 -2.02 10.65 -4.41
C CYS B 201 -0.59 10.25 -4.73
N GLU B 202 0.04 11.11 -5.49
CA GLU B 202 1.42 10.92 -5.92
C GLU B 202 2.33 10.65 -4.71
N GLY B 203 2.99 9.49 -4.77
CA GLY B 203 3.94 9.07 -3.73
C GLY B 203 3.35 7.94 -2.87
N ASP B 204 2.06 7.72 -3.03
CA ASP B 204 1.34 6.69 -2.25
C ASP B 204 1.41 5.32 -2.95
N SER B 205 1.67 5.37 -4.24
CA SER B 205 1.77 4.16 -5.07
C SER B 205 2.64 3.11 -4.39
N GLY B 206 2.18 1.87 -4.51
CA GLY B 206 2.90 0.71 -3.97
C GLY B 206 2.45 0.36 -2.55
N GLY B 207 1.80 1.31 -1.89
CA GLY B 207 1.29 1.11 -0.53
C GLY B 207 0.03 0.25 -0.57
N PRO B 208 -0.44 -0.19 0.59
CA PRO B 208 -1.50 -1.17 0.67
C PRO B 208 -2.85 -0.60 0.91
N PHE B 209 -3.85 -1.29 0.33
CA PHE B 209 -5.24 -1.04 0.56
C PHE B 209 -5.67 -2.24 1.42
N VAL B 210 -5.87 -2.06 2.70
CA VAL B 210 -6.18 -3.20 3.59
C VAL B 210 -7.62 -3.18 4.09
N MET B 211 -8.03 -4.33 4.57
CA MET B 211 -9.37 -4.56 5.13
C MET B 211 -9.25 -5.46 6.33
N LYS B 212 -10.08 -5.20 7.32
CA LYS B 212 -10.08 -6.03 8.53
C LYS B 212 -11.25 -7.01 8.46
N SER B 213 -10.89 -8.27 8.33
CA SER B 213 -11.89 -9.35 8.29
C SER B 213 -12.74 -9.29 9.59
N PRO B 214 -14.08 -9.20 9.44
CA PRO B 214 -14.92 -9.43 10.60
C PRO B 214 -14.99 -10.93 10.95
N PHE B 215 -14.49 -11.87 10.19
CA PHE B 215 -14.64 -13.30 10.59
C PHE B 215 -13.53 -13.72 11.56
N ASN B 216 -12.29 -13.29 11.29
CA ASN B 216 -11.15 -13.67 12.16
C ASN B 216 -10.39 -12.45 12.75
N ASN B 217 -10.90 -11.28 12.46
CA ASN B 217 -10.35 -9.99 13.01
C ASN B 217 -8.87 -9.76 12.67
N ARG B 218 -8.49 -10.12 11.46
CA ARG B 218 -7.12 -9.92 10.96
C ARG B 218 -7.14 -8.98 9.77
N TRP B 219 -6.07 -8.25 9.61
CA TRP B 219 -5.95 -7.31 8.48
C TRP B 219 -5.37 -8.04 7.27
N TYR B 220 -6.02 -7.81 6.14
CA TYR B 220 -5.65 -8.42 4.86
C TYR B 220 -5.41 -7.32 3.82
N GLN B 221 -4.37 -7.52 3.02
CA GLN B 221 -4.09 -6.58 1.95
C GLN B 221 -4.79 -7.05 0.68
N MET B 222 -5.81 -6.29 0.33
CA MET B 222 -6.64 -6.58 -0.83
C MET B 222 -6.15 -5.87 -2.09
N GLY B 223 -5.52 -4.72 -1.93
CA GLY B 223 -5.05 -3.94 -3.09
C GLY B 223 -3.72 -3.23 -2.82
N ILE B 224 -3.17 -2.76 -3.93
CA ILE B 224 -1.92 -1.98 -3.97
C ILE B 224 -2.20 -0.68 -4.74
N VAL B 225 -1.90 0.46 -4.11
CA VAL B 225 -2.10 1.77 -4.78
C VAL B 225 -1.39 1.73 -6.13
N SER B 226 -2.15 1.93 -7.19
CA SER B 226 -1.61 1.80 -8.56
C SER B 226 -1.67 3.11 -9.36
N TRP B 227 -2.87 3.62 -9.63
CA TRP B 227 -2.99 4.86 -10.43
C TRP B 227 -4.30 5.59 -10.19
N GLY B 228 -4.37 6.77 -10.79
CA GLY B 228 -5.55 7.64 -10.69
C GLY B 228 -5.41 8.80 -11.66
N GLU B 229 -6.43 9.60 -11.70
CA GLU B 229 -6.45 10.78 -12.56
C GLU B 229 -6.68 11.99 -11.68
N GLY B 230 -5.57 12.57 -11.30
CA GLY B 230 -5.57 13.65 -10.35
C GLY B 230 -5.70 12.98 -8.99
N CYS B 231 -6.06 13.71 -8.00
CA CYS B 231 -6.24 13.16 -6.66
C CYS B 231 -7.45 13.83 -6.01
N ASP B 232 -8.34 12.96 -5.60
CA ASP B 232 -9.55 13.34 -4.89
C ASP B 232 -10.45 14.27 -5.73
N ARG B 233 -10.43 14.07 -7.03
CA ARG B 233 -11.28 14.83 -7.95
C ARG B 233 -12.68 14.21 -7.93
N ASP B 234 -13.68 15.06 -8.04
CA ASP B 234 -15.07 14.58 -8.09
C ASP B 234 -15.25 13.75 -9.35
N GLY B 235 -15.90 12.62 -9.21
CA GLY B 235 -16.21 11.76 -10.35
C GLY B 235 -15.01 10.86 -10.76
N LYS B 236 -13.88 10.99 -10.09
CA LYS B 236 -12.69 10.12 -10.35
C LYS B 236 -12.42 9.25 -9.08
N TYR B 237 -11.84 8.08 -9.33
CA TYR B 237 -11.67 7.08 -8.24
C TYR B 237 -10.20 6.62 -8.33
N GLY B 238 -9.61 6.23 -7.24
CA GLY B 238 -8.25 5.70 -7.27
C GLY B 238 -8.33 4.22 -7.67
N PHE B 239 -7.34 3.75 -8.40
CA PHE B 239 -7.29 2.34 -8.83
C PHE B 239 -6.17 1.61 -8.11
N TYR B 240 -6.49 0.39 -7.78
CA TYR B 240 -5.61 -0.49 -7.00
C TYR B 240 -5.43 -1.83 -7.65
N THR B 241 -4.22 -2.35 -7.49
CA THR B 241 -3.92 -3.68 -7.99
C THR B 241 -4.76 -4.67 -7.20
N HIS B 242 -5.31 -5.65 -7.92
CA HIS B 242 -6.14 -6.66 -7.17
C HIS B 242 -5.19 -7.78 -6.72
N VAL B 243 -4.82 -7.74 -5.46
CA VAL B 243 -3.81 -8.67 -4.93
C VAL B 243 -4.23 -10.15 -5.02
N PHE B 244 -5.45 -10.45 -4.63
CA PHE B 244 -5.86 -11.86 -4.67
C PHE B 244 -5.77 -12.46 -6.07
N ARG B 245 -6.15 -11.69 -7.06
CA ARG B 245 -6.16 -12.18 -8.44
C ARG B 245 -4.73 -12.48 -8.94
N LEU B 246 -3.72 -11.96 -8.26
CA LEU B 246 -2.33 -12.15 -8.70
C LEU B 246 -1.51 -12.95 -7.67
N LYS B 247 -2.20 -13.59 -6.76
CA LYS B 247 -1.56 -14.30 -5.65
C LYS B 247 -0.83 -15.56 -6.10
N LYS B 248 -1.30 -16.14 -7.17
CA LYS B 248 -0.65 -17.36 -7.68
C LYS B 248 0.79 -17.04 -8.10
N TRP B 249 0.97 -15.87 -8.67
CA TRP B 249 2.32 -15.41 -9.06
C TRP B 249 3.14 -15.13 -7.79
N ILE B 250 2.51 -14.44 -6.84
CA ILE B 250 3.17 -14.07 -5.57
C ILE B 250 3.72 -15.34 -4.89
N GLN B 251 2.85 -16.32 -4.77
CA GLN B 251 3.18 -17.59 -4.13
C GLN B 251 4.28 -18.35 -4.88
N LYS B 252 4.24 -18.25 -6.19
CA LYS B 252 5.20 -18.94 -7.06
C LYS B 252 6.61 -18.36 -6.88
N VAL B 253 6.68 -17.05 -6.73
CA VAL B 253 7.96 -16.37 -6.53
C VAL B 253 8.53 -16.70 -5.15
N ILE B 254 7.67 -16.63 -4.15
CA ILE B 254 8.09 -16.92 -2.78
C ILE B 254 8.43 -18.42 -2.66
N ASP B 255 7.65 -19.31 -3.25
CA ASP B 255 7.93 -20.76 -3.21
C ASP B 255 9.20 -21.18 -3.96
N GLN B 256 9.43 -20.63 -5.14
CA GLN B 256 10.63 -20.82 -5.93
C GLN B 256 11.80 -20.08 -5.30
N PHE B 257 11.61 -18.91 -4.72
CA PHE B 257 12.80 -18.13 -4.35
C PHE B 257 12.79 -17.97 -2.79
N ASP C 3 14.83 16.88 1.93
CA ASP C 3 14.09 17.26 3.15
C ASP C 3 14.24 16.13 4.19
N PHE C 4 14.93 15.10 3.73
CA PHE C 4 15.02 13.90 4.58
C PHE C 4 16.19 14.08 5.51
N GLU C 5 16.04 13.71 6.78
CA GLU C 5 17.15 13.68 7.67
C GLU C 5 18.03 12.54 7.23
N GLU C 6 19.34 12.75 7.39
CA GLU C 6 20.36 11.79 7.05
C GLU C 6 20.14 10.45 7.72
N ILE C 7 20.32 9.42 6.87
CA ILE C 7 20.30 8.08 7.43
C ILE C 7 21.72 7.66 7.75
N PRO C 8 21.91 6.78 8.72
CA PRO C 8 23.23 6.22 8.98
C PRO C 8 23.84 5.77 7.66
N GLU C 9 24.94 6.47 7.31
CA GLU C 9 25.70 6.12 6.09
C GLU C 9 26.55 4.95 6.56
N GLU C 10 26.21 3.76 6.18
CA GLU C 10 26.38 2.56 7.01
C GLU C 10 25.25 1.65 6.48
N LEU C 12 24.31 3.07 3.78
CA LEU C 12 24.68 3.37 2.41
C LEU C 12 26.06 2.79 2.16
#